data_7VMI
#
_entry.id   7VMI
#
_cell.length_a   54.623
_cell.length_b   77.600
_cell.length_c   55.511
_cell.angle_alpha   90.00
_cell.angle_beta   91.82
_cell.angle_gamma   90.00
#
_symmetry.space_group_name_H-M   'P 1 21 1'
#
loop_
_entity.id
_entity.type
_entity.pdbx_description
1 polymer 'Histone deacetylase HDT3'
2 water water
#
_entity_poly.entity_id   1
_entity_poly.type   'polypeptide(L)'
_entity_poly.pdbx_seq_one_letter_code
;MEFWGVEVKNGKPLHLDPGLDRLVHISQVALGESKNNVTEPIQLYVTVGSDKLLIGTLSHEKFPQLSTEIVLERNFALSH
TWKNGSVFFSGYKVDL
;
_entity_poly.pdbx_strand_id   A,B,C,D,E
#
# COMPACT_ATOMS: atom_id res chain seq x y z
N MET A 1 11.70 -5.57 17.72
CA MET A 1 11.31 -5.97 16.37
C MET A 1 11.57 -7.45 16.16
N GLU A 2 10.50 -8.24 16.20
CA GLU A 2 10.59 -9.68 16.13
C GLU A 2 9.54 -10.16 15.19
N PHE A 3 9.93 -10.95 14.19
CA PHE A 3 8.96 -11.49 13.24
C PHE A 3 7.89 -12.25 13.95
N TRP A 4 6.66 -12.10 13.48
CA TRP A 4 5.50 -12.72 14.11
C TRP A 4 4.59 -13.15 12.99
N GLY A 5 3.96 -14.32 13.17
CA GLY A 5 2.91 -14.71 12.26
C GLY A 5 2.10 -15.90 12.71
N VAL A 6 0.86 -15.99 12.21
CA VAL A 6 -0.03 -17.09 12.54
C VAL A 6 -0.90 -17.50 11.35
N GLU A 7 -1.35 -18.75 11.42
CA GLU A 7 -2.27 -19.33 10.48
C GLU A 7 -3.59 -19.56 11.22
N VAL A 8 -4.65 -18.90 10.75
CA VAL A 8 -5.97 -19.08 11.32
C VAL A 8 -6.74 -20.05 10.45
N LYS A 9 -6.98 -21.24 10.98
CA LYS A 9 -7.55 -22.37 10.28
C LYS A 9 -9.06 -22.43 10.45
N ASN A 10 -9.78 -22.50 9.33
CA ASN A 10 -11.21 -22.67 9.31
C ASN A 10 -11.99 -21.62 10.08
N GLY A 11 -11.39 -20.44 10.27
CA GLY A 11 -12.11 -19.28 10.73
C GLY A 11 -12.32 -19.09 12.22
N LYS A 12 -12.21 -20.17 13.00
CA LYS A 12 -12.41 -20.12 14.44
C LYS A 12 -11.52 -19.07 15.09
N PRO A 13 -12.08 -18.16 15.93
CA PRO A 13 -11.29 -17.05 16.48
C PRO A 13 -10.01 -17.57 17.15
N LEU A 14 -8.87 -16.96 16.81
CA LEU A 14 -7.63 -17.25 17.46
C LEU A 14 -7.34 -16.10 18.42
N HIS A 15 -7.28 -16.40 19.72
CA HIS A 15 -7.10 -15.39 20.75
C HIS A 15 -5.62 -15.21 21.06
N LEU A 16 -5.15 -13.97 20.98
CA LEU A 16 -3.74 -13.65 21.11
C LEU A 16 -3.52 -12.49 22.06
N ASP A 17 -2.31 -12.42 22.60
CA ASP A 17 -1.92 -11.41 23.56
C ASP A 17 -0.54 -10.92 23.15
N PRO A 18 -0.33 -9.62 22.86
CA PRO A 18 1.00 -9.12 22.51
C PRO A 18 2.02 -9.29 23.63
N GLY A 19 1.55 -9.21 24.88
CA GLY A 19 2.36 -9.31 26.06
C GLY A 19 2.62 -7.93 26.63
N LEU A 20 3.21 -7.94 27.82
CA LEU A 20 3.51 -6.75 28.56
C LEU A 20 4.51 -5.92 27.79
N ASP A 21 4.17 -4.64 27.64
CA ASP A 21 5.02 -3.67 26.97
C ASP A 21 5.34 -4.03 25.54
N ARG A 22 4.43 -4.72 24.85
CA ARG A 22 4.61 -5.08 23.42
C ARG A 22 3.37 -4.72 22.60
N LEU A 23 3.58 -4.58 21.29
CA LEU A 23 2.54 -4.43 20.32
C LEU A 23 2.73 -5.56 19.32
N VAL A 24 1.62 -6.04 18.75
CA VAL A 24 1.67 -6.78 17.50
C VAL A 24 1.29 -5.82 16.38
N HIS A 25 2.16 -5.77 15.35
CA HIS A 25 1.96 -5.01 14.11
C HIS A 25 1.71 -6.01 13.00
N ILE A 26 0.47 -6.08 12.49
CA ILE A 26 0.14 -7.01 11.40
C ILE A 26 0.28 -6.26 10.09
N SER A 27 1.19 -6.75 9.23
CA SER A 27 1.49 -6.09 7.95
C SER A 27 0.99 -6.85 6.71
N GLN A 28 0.83 -8.18 6.82
CA GLN A 28 0.49 -9.01 5.68
C GLN A 28 -0.53 -10.06 5.99
N VAL A 29 -1.58 -10.08 5.14
CA VAL A 29 -2.65 -11.03 5.22
C VAL A 29 -2.67 -11.77 3.89
N ALA A 30 -2.80 -13.11 3.96
CA ALA A 30 -2.87 -13.93 2.76
C ALA A 30 -3.86 -15.08 2.90
N LEU A 31 -4.65 -15.25 1.83
CA LEU A 31 -5.60 -16.33 1.70
C LEU A 31 -4.90 -17.62 1.29
N GLY A 32 -5.09 -18.67 2.08
CA GLY A 32 -4.52 -19.96 1.79
C GLY A 32 -5.15 -20.67 0.59
N GLU A 33 -4.49 -21.77 0.25
CA GLU A 33 -4.89 -22.64 -0.86
C GLU A 33 -6.22 -23.28 -0.52
N SER A 34 -7.08 -23.40 -1.53
CA SER A 34 -8.34 -24.14 -1.43
C SER A 34 -8.21 -25.63 -1.78
N LYS A 35 -8.84 -26.48 -0.97
CA LYS A 35 -8.98 -27.92 -1.23
C LYS A 35 -10.07 -28.28 -2.25
N ASN A 36 -10.97 -27.36 -2.55
CA ASN A 36 -12.23 -27.68 -3.25
C ASN A 36 -12.51 -26.83 -4.48
N ASN A 37 -12.24 -25.53 -4.35
CA ASN A 37 -12.48 -24.53 -5.37
C ASN A 37 -13.96 -24.04 -5.45
N VAL A 38 -14.74 -24.39 -4.42
CA VAL A 38 -15.87 -23.59 -4.00
C VAL A 38 -15.32 -22.41 -3.18
N THR A 39 -15.33 -21.22 -3.80
CA THR A 39 -14.77 -20.04 -3.20
C THR A 39 -15.94 -19.05 -3.07
N GLU A 40 -16.30 -18.66 -1.85
CA GLU A 40 -17.18 -17.54 -1.58
C GLU A 40 -16.24 -16.43 -1.12
N PRO A 41 -16.63 -15.14 -1.10
CA PRO A 41 -15.81 -14.10 -0.47
C PRO A 41 -15.68 -14.38 1.04
N ILE A 42 -14.51 -14.13 1.59
CA ILE A 42 -14.15 -14.46 2.94
C ILE A 42 -13.89 -13.18 3.70
N GLN A 43 -14.69 -12.92 4.74
CA GLN A 43 -14.52 -11.75 5.58
C GLN A 43 -13.54 -12.03 6.71
N LEU A 44 -12.69 -11.02 7.00
CA LEU A 44 -11.67 -11.07 8.03
C LEU A 44 -12.00 -10.08 9.14
N TYR A 45 -11.82 -10.51 10.39
CA TYR A 45 -12.19 -9.69 11.57
C TYR A 45 -11.03 -9.67 12.58
N VAL A 46 -10.87 -8.51 13.23
CA VAL A 46 -10.06 -8.39 14.42
C VAL A 46 -11.02 -7.99 15.49
N THR A 47 -11.03 -8.74 16.59
CA THR A 47 -11.87 -8.47 17.72
C THR A 47 -10.99 -7.99 18.85
N VAL A 48 -11.26 -6.77 19.33
CA VAL A 48 -10.42 -6.17 20.42
C VAL A 48 -11.36 -5.58 21.47
N GLY A 49 -11.25 -6.04 22.72
CA GLY A 49 -12.15 -5.56 23.78
C GLY A 49 -13.60 -5.57 23.31
N SER A 50 -14.02 -6.67 22.68
CA SER A 50 -15.42 -6.79 22.18
C SER A 50 -15.51 -6.30 20.73
N ASP A 51 -15.44 -4.99 20.51
CA ASP A 51 -15.51 -4.45 19.16
C ASP A 51 -14.94 -5.47 18.16
N LYS A 52 -15.80 -5.89 17.23
CA LYS A 52 -15.43 -6.79 16.16
C LYS A 52 -15.37 -5.94 14.89
N LEU A 53 -14.16 -5.74 14.37
CA LEU A 53 -13.95 -4.88 13.20
C LEU A 53 -13.63 -5.72 11.97
N LEU A 54 -14.41 -5.50 10.91
CA LEU A 54 -14.10 -6.01 9.58
C LEU A 54 -12.86 -5.29 9.08
N ILE A 55 -11.84 -6.06 8.68
CA ILE A 55 -10.67 -5.49 8.06
C ILE A 55 -10.56 -5.72 6.57
N GLY A 56 -11.33 -6.66 6.02
CA GLY A 56 -11.35 -6.86 4.58
C GLY A 56 -12.07 -8.13 4.17
N THR A 57 -12.25 -8.27 2.86
CA THR A 57 -12.90 -9.39 2.24
C THR A 57 -12.04 -9.94 1.13
N LEU A 58 -11.58 -11.19 1.29
CA LEU A 58 -10.63 -11.81 0.38
C LEU A 58 -11.32 -12.76 -0.55
N SER A 59 -10.73 -12.97 -1.72
CA SER A 59 -11.11 -14.09 -2.63
C SER A 59 -9.88 -14.55 -3.38
N HIS A 60 -9.86 -15.84 -3.77
CA HIS A 60 -8.71 -16.37 -4.54
C HIS A 60 -8.61 -15.67 -5.92
N GLU A 61 -9.78 -15.34 -6.49
CA GLU A 61 -9.81 -14.77 -7.79
C GLU A 61 -9.35 -13.33 -7.87
N LYS A 62 -9.70 -12.52 -6.90
CA LYS A 62 -9.58 -11.07 -7.01
C LYS A 62 -8.82 -10.42 -5.90
N PHE A 63 -8.98 -10.93 -4.68
CA PHE A 63 -8.32 -10.30 -3.52
C PHE A 63 -7.62 -11.33 -2.67
N PRO A 64 -6.57 -12.00 -3.13
CA PRO A 64 -5.97 -13.08 -2.34
C PRO A 64 -5.03 -12.65 -1.21
N GLN A 65 -4.76 -11.34 -1.08
CA GLN A 65 -3.91 -10.90 0.00
C GLN A 65 -4.12 -9.42 0.24
N LEU A 66 -3.67 -8.94 1.40
CA LEU A 66 -3.71 -7.52 1.76
C LEU A 66 -2.39 -7.15 2.38
N SER A 67 -1.98 -5.91 2.12
CA SER A 67 -0.89 -5.29 2.80
C SER A 67 -1.50 -4.29 3.74
N THR A 68 -1.20 -4.43 5.03
CA THR A 68 -1.94 -3.77 6.10
C THR A 68 -1.00 -3.07 7.08
N GLU A 69 -1.61 -2.29 7.97
CA GLU A 69 -0.90 -1.73 9.12
C GLU A 69 -1.84 -1.72 10.31
N ILE A 70 -1.95 -2.89 10.96
CA ILE A 70 -2.85 -3.10 12.09
C ILE A 70 -2.00 -3.21 13.35
N VAL A 71 -2.31 -2.38 14.35
CA VAL A 71 -1.49 -2.23 15.54
C VAL A 71 -2.31 -2.57 16.80
N LEU A 72 -1.84 -3.57 17.55
CA LEU A 72 -2.57 -4.16 18.65
C LEU A 72 -1.71 -4.21 19.92
N GLU A 73 -2.15 -3.49 20.95
CA GLU A 73 -1.38 -3.36 22.18
C GLU A 73 -2.00 -4.22 23.27
N ARG A 74 -3.17 -4.79 23.00
CA ARG A 74 -3.91 -5.56 24.02
C ARG A 74 -4.42 -6.86 23.40
N ASN A 75 -5.00 -7.72 24.25
CA ASN A 75 -5.54 -9.00 23.82
C ASN A 75 -6.49 -8.79 22.65
N PHE A 76 -6.40 -9.68 21.66
CA PHE A 76 -7.29 -9.64 20.51
C PHE A 76 -7.51 -11.02 19.94
N ALA A 77 -8.45 -11.10 19.01
CA ALA A 77 -8.74 -12.31 18.28
C ALA A 77 -8.80 -12.03 16.80
N LEU A 78 -8.24 -12.96 16.02
CA LEU A 78 -8.37 -12.97 14.58
C LEU A 78 -9.32 -14.08 14.19
N SER A 79 -10.18 -13.77 13.22
CA SER A 79 -11.17 -14.71 12.76
C SER A 79 -11.55 -14.39 11.32
N HIS A 80 -12.16 -15.37 10.64
CA HIS A 80 -12.60 -15.19 9.27
C HIS A 80 -13.69 -16.20 8.98
N THR A 81 -14.36 -16.04 7.85
CA THR A 81 -15.58 -16.78 7.55
C THR A 81 -15.36 -18.00 6.65
N TRP A 82 -14.09 -18.33 6.33
CA TRP A 82 -13.82 -19.53 5.53
C TRP A 82 -13.73 -20.78 6.41
N LYS A 83 -14.75 -21.63 6.34
CA LYS A 83 -14.82 -22.81 7.20
C LYS A 83 -13.93 -23.95 6.74
N ASN A 84 -13.32 -23.82 5.55
CA ASN A 84 -12.58 -24.90 4.91
C ASN A 84 -11.19 -24.54 4.38
N GLY A 85 -10.53 -23.60 5.05
CA GLY A 85 -9.18 -23.20 4.69
C GLY A 85 -8.60 -22.18 5.66
N SER A 86 -7.38 -21.71 5.36
CA SER A 86 -6.63 -20.87 6.24
C SER A 86 -6.46 -19.46 5.71
N VAL A 87 -6.33 -18.51 6.65
CA VAL A 87 -5.82 -17.20 6.36
C VAL A 87 -4.58 -16.97 7.24
N PHE A 88 -3.51 -16.46 6.60
CA PHE A 88 -2.23 -16.24 7.23
C PHE A 88 -2.09 -14.78 7.56
N PHE A 89 -1.68 -14.49 8.80
CA PHE A 89 -1.43 -13.14 9.23
C PHE A 89 0.00 -13.07 9.70
N SER A 90 0.73 -12.05 9.25
CA SER A 90 2.11 -11.88 9.66
C SER A 90 2.50 -10.42 9.84
N GLY A 91 3.62 -10.24 10.53
CA GLY A 91 4.11 -8.94 10.81
C GLY A 91 5.24 -9.07 11.82
N TYR A 92 5.15 -8.27 12.88
CA TYR A 92 6.24 -8.20 13.88
C TYR A 92 5.73 -7.64 15.22
N LYS A 93 6.44 -8.02 16.28
CA LYS A 93 6.20 -7.52 17.63
C LYS A 93 7.22 -6.43 17.91
N VAL A 94 6.75 -5.38 18.60
CA VAL A 94 7.49 -4.16 18.89
C VAL A 94 7.46 -3.93 20.40
N ASP A 95 8.55 -3.36 20.91
CA ASP A 95 8.72 -2.98 22.29
C ASP A 95 8.19 -1.58 22.54
N LEU A 96 7.58 -1.35 23.71
CA LEU A 96 7.16 -0.03 24.23
C LEU A 96 5.81 0.44 23.73
N MET B 1 1.92 17.54 13.51
CA MET B 1 1.05 16.57 12.83
C MET B 1 -0.36 17.14 12.74
N GLU B 2 -0.71 17.64 11.57
CA GLU B 2 -1.93 18.40 11.37
C GLU B 2 -2.54 17.88 10.08
N PHE B 3 -3.80 17.43 10.14
CA PHE B 3 -4.48 16.96 8.96
C PHE B 3 -4.48 18.04 7.90
N TRP B 4 -4.32 17.62 6.65
CA TRP B 4 -4.20 18.52 5.54
C TRP B 4 -4.93 17.90 4.38
N GLY B 5 -5.65 18.72 3.60
CA GLY B 5 -6.18 18.23 2.36
C GLY B 5 -6.70 19.28 1.42
N VAL B 6 -6.73 18.97 0.13
CA VAL B 6 -7.26 19.89 -0.87
C VAL B 6 -8.06 19.19 -1.97
N GLU B 7 -8.89 19.97 -2.65
CA GLU B 7 -9.64 19.56 -3.82
C GLU B 7 -9.12 20.35 -5.00
N VAL B 8 -8.61 19.64 -6.00
CA VAL B 8 -8.11 20.27 -7.21
C VAL B 8 -9.19 20.11 -8.28
N LYS B 9 -9.82 21.23 -8.62
CA LYS B 9 -11.03 21.25 -9.44
C LYS B 9 -10.69 21.53 -10.90
N ASN B 10 -11.12 20.66 -11.80
CA ASN B 10 -10.90 20.82 -13.23
C ASN B 10 -9.45 20.95 -13.65
N GLY B 11 -8.54 20.42 -12.80
CA GLY B 11 -7.15 20.22 -13.22
C GLY B 11 -6.20 21.38 -13.09
N LYS B 12 -6.71 22.60 -12.91
CA LYS B 12 -5.79 23.78 -12.92
C LYS B 12 -4.76 23.68 -11.79
N PRO B 13 -3.47 23.92 -12.03
CA PRO B 13 -2.44 23.80 -10.99
C PRO B 13 -2.86 24.54 -9.70
N LEU B 14 -2.79 23.87 -8.56
CA LEU B 14 -2.99 24.46 -7.28
C LEU B 14 -1.61 24.64 -6.61
N HIS B 15 -1.22 25.88 -6.36
CA HIS B 15 0.12 26.18 -5.88
C HIS B 15 0.09 26.27 -4.33
N LEU B 16 0.95 25.51 -3.66
CA LEU B 16 0.91 25.35 -2.22
C LEU B 16 2.31 25.44 -1.62
N ASP B 17 2.37 25.81 -0.35
CA ASP B 17 3.59 26.01 0.40
C ASP B 17 3.43 25.29 1.73
N PRO B 18 4.26 24.28 2.06
CA PRO B 18 4.21 23.67 3.40
C PRO B 18 4.41 24.64 4.55
N GLY B 19 5.23 25.68 4.34
CA GLY B 19 5.58 26.63 5.35
C GLY B 19 6.99 26.34 5.86
N LEU B 20 7.51 27.27 6.65
CA LEU B 20 8.89 27.24 7.09
C LEU B 20 9.03 26.08 8.04
N ASP B 21 10.02 25.23 7.79
CA ASP B 21 10.35 24.06 8.60
C ASP B 21 9.19 23.11 8.74
N ARG B 22 8.41 22.98 7.68
CA ARG B 22 7.26 22.04 7.61
C ARG B 22 7.32 21.19 6.35
N LEU B 23 6.67 20.05 6.38
CA LEU B 23 6.52 19.17 5.25
C LEU B 23 5.03 18.97 5.03
N VAL B 24 4.64 18.84 3.78
CA VAL B 24 3.32 18.24 3.43
C VAL B 24 3.58 16.79 3.04
N HIS B 25 2.89 15.87 3.74
CA HIS B 25 2.87 14.46 3.47
C HIS B 25 1.52 14.10 2.86
N ILE B 26 1.51 13.75 1.58
CA ILE B 26 0.27 13.40 0.89
C ILE B 26 0.16 11.87 0.94
N SER B 27 -0.89 11.38 1.59
CA SER B 27 -1.08 9.95 1.80
C SER B 27 -2.27 9.36 0.96
N GLN B 28 -3.23 10.19 0.57
CA GLN B 28 -4.44 9.72 -0.11
C GLN B 28 -4.88 10.59 -1.24
N VAL B 29 -5.14 9.96 -2.38
CA VAL B 29 -5.61 10.58 -3.59
C VAL B 29 -6.90 9.93 -3.98
N ALA B 30 -7.91 10.71 -4.32
CA ALA B 30 -9.22 10.16 -4.72
C ALA B 30 -9.88 10.95 -5.84
N LEU B 31 -10.37 10.20 -6.84
CA LEU B 31 -11.04 10.72 -7.99
C LEU B 31 -12.50 11.01 -7.63
N GLY B 32 -12.93 12.25 -7.88
CA GLY B 32 -14.28 12.66 -7.71
C GLY B 32 -15.29 11.97 -8.65
N GLU B 33 -16.57 12.10 -8.32
CA GLU B 33 -17.65 11.57 -9.15
C GLU B 33 -17.68 12.27 -10.50
N SER B 34 -17.92 11.53 -11.58
CA SER B 34 -18.15 12.08 -12.92
C SER B 34 -19.61 12.43 -13.21
N LYS B 35 -19.82 13.64 -13.75
CA LYS B 35 -21.15 14.10 -14.23
C LYS B 35 -21.33 13.83 -15.74
N ASN B 36 -20.23 13.49 -16.43
CA ASN B 36 -20.03 13.81 -17.85
C ASN B 36 -19.33 12.59 -18.44
N ASN B 37 -20.17 11.61 -18.79
CA ASN B 37 -19.75 10.24 -18.99
C ASN B 37 -19.03 10.08 -20.35
N VAL B 38 -17.91 10.81 -20.40
CA VAL B 38 -16.95 10.73 -21.48
C VAL B 38 -16.01 9.64 -21.02
N THR B 39 -15.44 9.79 -19.81
CA THR B 39 -14.37 8.91 -19.38
C THR B 39 -13.10 9.18 -20.16
N GLU B 40 -11.96 9.10 -19.48
CA GLU B 40 -10.63 8.98 -20.09
C GLU B 40 -9.70 8.85 -18.89
N PRO B 41 -8.48 8.28 -19.03
CA PRO B 41 -7.55 8.22 -17.91
C PRO B 41 -7.11 9.64 -17.56
N ILE B 42 -6.96 9.91 -16.28
CA ILE B 42 -6.64 11.21 -15.74
C ILE B 42 -5.27 11.13 -15.11
N GLN B 43 -4.33 11.91 -15.64
CA GLN B 43 -2.95 11.93 -15.12
C GLN B 43 -2.87 12.99 -14.02
N LEU B 44 -2.14 12.65 -12.95
CA LEU B 44 -1.92 13.51 -11.81
C LEU B 44 -0.44 13.89 -11.72
N TYR B 45 -0.19 15.16 -11.43
CA TYR B 45 1.22 15.68 -11.39
C TYR B 45 1.49 16.46 -10.11
N VAL B 46 2.73 16.37 -9.61
CA VAL B 46 3.24 17.26 -8.60
C VAL B 46 4.39 17.96 -9.26
N THR B 47 4.36 19.28 -9.20
CA THR B 47 5.40 20.09 -9.81
C THR B 47 6.19 20.75 -8.68
N VAL B 48 7.48 20.48 -8.67
CA VAL B 48 8.41 20.99 -7.66
C VAL B 48 9.64 21.54 -8.38
N GLY B 49 9.83 22.88 -8.26
CA GLY B 49 10.91 23.57 -9.00
C GLY B 49 10.65 23.38 -10.48
N SER B 50 11.66 22.88 -11.20
CA SER B 50 11.52 22.67 -12.66
C SER B 50 11.04 21.27 -13.07
N ASP B 51 10.67 20.44 -12.09
CA ASP B 51 10.30 19.08 -12.36
C ASP B 51 8.79 18.87 -12.15
N LYS B 52 8.15 18.41 -13.23
CA LYS B 52 6.73 18.08 -13.24
C LYS B 52 6.70 16.54 -13.27
N LEU B 53 6.32 15.92 -12.15
CA LEU B 53 6.44 14.47 -11.98
C LEU B 53 5.02 13.87 -11.98
N LEU B 54 4.81 12.90 -12.87
CA LEU B 54 3.60 12.09 -12.88
C LEU B 54 3.61 11.22 -11.62
N ILE B 55 2.52 11.26 -10.86
CA ILE B 55 2.36 10.38 -9.75
C ILE B 55 1.41 9.20 -10.00
N GLY B 56 0.53 9.33 -10.99
CA GLY B 56 -0.30 8.21 -11.36
C GLY B 56 -1.42 8.64 -12.29
N THR B 57 -2.16 7.62 -12.71
CA THR B 57 -3.25 7.76 -13.66
C THR B 57 -4.48 7.11 -13.11
N LEU B 58 -5.56 7.90 -12.91
CA LEU B 58 -6.76 7.45 -12.29
C LEU B 58 -7.84 7.20 -13.32
N SER B 59 -8.78 6.32 -12.99
CA SER B 59 -10.04 6.19 -13.75
C SER B 59 -11.13 5.72 -12.79
N HIS B 60 -12.39 6.06 -13.11
CA HIS B 60 -13.54 5.62 -12.33
C HIS B 60 -13.70 4.11 -12.40
N GLU B 61 -13.40 3.54 -13.57
CA GLU B 61 -13.53 2.13 -13.78
C GLU B 61 -12.55 1.25 -12.99
N LYS B 62 -11.29 1.65 -12.93
CA LYS B 62 -10.24 0.76 -12.50
C LYS B 62 -9.34 1.31 -11.42
N PHE B 63 -9.11 2.62 -11.42
CA PHE B 63 -8.19 3.23 -10.50
C PHE B 63 -8.73 4.49 -9.85
N PRO B 64 -9.77 4.40 -9.01
CA PRO B 64 -10.39 5.62 -8.49
C PRO B 64 -9.69 6.27 -7.30
N GLN B 65 -8.61 5.65 -6.81
CA GLN B 65 -7.90 6.26 -5.67
C GLN B 65 -6.54 5.67 -5.58
N LEU B 66 -5.66 6.35 -4.86
CA LEU B 66 -4.31 5.84 -4.58
C LEU B 66 -4.03 6.07 -3.11
N SER B 67 -3.19 5.19 -2.54
CA SER B 67 -2.64 5.37 -1.24
C SER B 67 -1.14 5.62 -1.51
N THR B 68 -0.67 6.77 -1.04
CA THR B 68 0.62 7.32 -1.44
C THR B 68 1.50 7.67 -0.25
N GLU B 69 2.73 8.06 -0.55
CA GLU B 69 3.63 8.61 0.46
C GLU B 69 4.51 9.65 -0.24
N ILE B 70 3.94 10.86 -0.43
CA ILE B 70 4.55 11.94 -1.13
C ILE B 70 4.92 13.01 -0.11
N VAL B 71 6.23 13.38 -0.09
CA VAL B 71 6.77 14.23 0.93
C VAL B 71 7.37 15.51 0.28
N LEU B 72 6.89 16.67 0.70
CA LEU B 72 7.18 17.95 0.08
C LEU B 72 7.62 18.95 1.14
N GLU B 73 8.86 19.45 0.99
CA GLU B 73 9.46 20.31 1.96
C GLU B 73 9.47 21.77 1.47
N ARG B 74 9.11 21.97 0.22
CA ARG B 74 9.19 23.30 -0.42
C ARG B 74 7.92 23.54 -1.24
N ASN B 75 7.74 24.77 -1.75
CA ASN B 75 6.54 25.06 -2.47
C ASN B 75 6.37 24.13 -3.67
N PHE B 76 5.12 23.75 -3.96
CA PHE B 76 4.81 22.85 -5.03
C PHE B 76 3.38 23.14 -5.61
N ALA B 77 3.08 22.47 -6.72
CA ALA B 77 1.79 22.53 -7.33
C ALA B 77 1.24 21.15 -7.61
N LEU B 78 -0.08 20.98 -7.41
CA LEU B 78 -0.78 19.80 -7.82
C LEU B 78 -1.65 20.15 -9.02
N SER B 79 -1.70 19.26 -9.99
CA SER B 79 -2.44 19.46 -11.19
C SER B 79 -2.88 18.08 -11.74
N HIS B 80 -3.91 18.08 -12.61
CA HIS B 80 -4.32 16.84 -13.24
C HIS B 80 -5.06 17.21 -14.55
N THR B 81 -5.34 16.19 -15.37
CA THR B 81 -5.84 16.39 -16.72
C THR B 81 -7.34 16.29 -16.87
N TRP B 82 -8.07 16.13 -15.77
CA TRP B 82 -9.53 16.07 -15.84
C TRP B 82 -10.14 17.49 -15.81
N LYS B 83 -10.64 17.94 -16.95
CA LYS B 83 -11.17 19.29 -17.07
C LYS B 83 -12.58 19.45 -16.53
N ASN B 84 -13.23 18.35 -16.13
CA ASN B 84 -14.64 18.34 -15.73
C ASN B 84 -14.90 17.64 -14.40
N GLY B 85 -13.93 17.66 -13.48
CA GLY B 85 -14.11 17.09 -12.17
C GLY B 85 -12.91 17.30 -11.27
N SER B 86 -13.01 16.75 -10.07
CA SER B 86 -12.06 16.98 -9.02
C SER B 86 -11.24 15.79 -8.69
N VAL B 87 -10.00 16.05 -8.24
CA VAL B 87 -9.24 15.05 -7.56
C VAL B 87 -8.90 15.62 -6.16
N PHE B 88 -9.06 14.76 -5.14
CA PHE B 88 -8.86 15.13 -3.76
C PHE B 88 -7.52 14.59 -3.30
N PHE B 89 -6.72 15.45 -2.67
CA PHE B 89 -5.45 15.04 -2.12
C PHE B 89 -5.49 15.32 -0.63
N SER B 90 -5.11 14.33 0.18
CA SER B 90 -5.08 14.53 1.63
C SER B 90 -3.90 13.86 2.29
N GLY B 91 -3.65 14.28 3.51
CA GLY B 91 -2.57 13.75 4.31
C GLY B 91 -2.40 14.63 5.53
N TYR B 92 -1.17 15.09 5.76
CA TYR B 92 -0.85 15.84 7.00
C TYR B 92 0.43 16.66 6.84
N LYS B 93 0.51 17.73 7.64
CA LYS B 93 1.70 18.57 7.72
C LYS B 93 2.49 18.17 8.97
N VAL B 94 3.81 18.22 8.85
CA VAL B 94 4.74 17.79 9.89
C VAL B 94 5.73 18.93 10.16
N ASP B 95 6.10 19.13 11.41
CA ASP B 95 7.13 20.10 11.76
C ASP B 95 8.48 19.47 11.81
N LEU B 96 9.51 20.22 11.40
CA LEU B 96 10.96 19.95 11.64
C LEU B 96 11.55 19.10 10.54
N MET C 1 14.97 15.63 4.70
CA MET C 1 13.79 15.25 3.94
C MET C 1 13.55 16.28 2.82
N GLU C 2 13.84 15.86 1.60
CA GLU C 2 13.73 16.70 0.45
C GLU C 2 13.05 15.92 -0.64
N PHE C 3 12.02 16.51 -1.26
CA PHE C 3 11.37 15.85 -2.40
C PHE C 3 12.39 15.51 -3.48
N TRP C 4 12.19 14.35 -4.10
CA TRP C 4 13.10 13.85 -5.12
C TRP C 4 12.25 13.18 -6.16
N GLY C 5 12.63 13.34 -7.43
CA GLY C 5 12.04 12.56 -8.47
C GLY C 5 12.75 12.64 -9.79
N VAL C 6 12.55 11.61 -10.60
CA VAL C 6 13.13 11.53 -11.92
C VAL C 6 12.15 10.90 -12.93
N GLU C 7 12.36 11.24 -14.20
CA GLU C 7 11.73 10.64 -15.34
C GLU C 7 12.77 9.81 -16.08
N VAL C 8 12.52 8.51 -16.18
CA VAL C 8 13.41 7.63 -16.91
C VAL C 8 12.78 7.41 -18.29
N LYS C 9 13.42 7.98 -19.31
CA LYS C 9 12.92 8.03 -20.67
C LYS C 9 13.51 6.87 -21.46
N ASN C 10 12.63 6.09 -22.10
CA ASN C 10 13.01 4.97 -22.95
C ASN C 10 13.86 3.93 -22.20
N GLY C 11 14.57 3.08 -22.93
CA GLY C 11 15.17 1.89 -22.35
C GLY C 11 16.54 2.04 -21.64
N LYS C 12 16.94 3.29 -21.30
CA LYS C 12 18.32 3.51 -20.87
C LYS C 12 18.45 3.64 -19.36
N PRO C 13 19.36 2.86 -18.72
CA PRO C 13 19.57 3.00 -17.28
C PRO C 13 19.90 4.46 -16.91
N LEU C 14 19.24 4.99 -15.89
CA LEU C 14 19.61 6.29 -15.33
C LEU C 14 20.42 6.05 -14.06
N HIS C 15 21.68 6.52 -14.05
CA HIS C 15 22.56 6.36 -12.93
C HIS C 15 22.44 7.49 -11.95
N LEU C 16 22.21 7.15 -10.67
CA LEU C 16 21.93 8.14 -9.62
C LEU C 16 22.70 7.82 -8.36
N ASP C 17 22.94 8.84 -7.55
CA ASP C 17 23.80 8.73 -6.37
C ASP C 17 23.15 9.55 -5.28
N PRO C 18 22.74 8.98 -4.13
CA PRO C 18 22.17 9.78 -3.05
C PRO C 18 23.16 10.81 -2.47
N GLY C 19 24.45 10.49 -2.50
CA GLY C 19 25.48 11.27 -1.85
C GLY C 19 25.85 10.71 -0.50
N LEU C 20 26.90 11.30 0.06
CA LEU C 20 27.49 10.82 1.29
C LEU C 20 26.51 11.02 2.41
N ASP C 21 26.28 9.96 3.18
CA ASP C 21 25.37 9.97 4.34
C ASP C 21 23.95 10.41 4.00
N ARG C 22 23.52 10.05 2.79
CA ARG C 22 22.11 10.26 2.35
C ARG C 22 21.51 8.98 1.82
N LEU C 23 20.17 8.94 1.78
CA LEU C 23 19.43 7.84 1.21
C LEU C 23 18.46 8.48 0.19
N VAL C 24 18.21 7.77 -0.91
CA VAL C 24 17.02 8.02 -1.71
C VAL C 24 15.94 7.01 -1.32
N HIS C 25 14.74 7.51 -1.02
CA HIS C 25 13.56 6.73 -0.72
C HIS C 25 12.57 6.89 -1.86
N ILE C 26 12.35 5.82 -2.63
CA ILE C 26 11.43 5.88 -3.76
C ILE C 26 10.08 5.40 -3.25
N SER C 27 9.04 6.27 -3.35
CA SER C 27 7.74 5.94 -2.85
C SER C 27 6.65 5.77 -3.95
N GLN C 28 6.87 6.40 -5.11
CA GLN C 28 5.87 6.36 -6.18
C GLN C 28 6.45 6.14 -7.53
N VAL C 29 5.86 5.19 -8.25
CA VAL C 29 6.24 4.86 -9.60
C VAL C 29 5.02 5.01 -10.47
N ALA C 30 5.19 5.70 -11.60
CA ALA C 30 4.09 5.89 -12.54
C ALA C 30 4.52 5.78 -13.98
N LEU C 31 3.71 5.02 -14.72
CA LEU C 31 3.87 4.81 -16.14
C LEU C 31 3.31 6.01 -16.91
N GLY C 32 4.15 6.59 -17.77
CA GLY C 32 3.77 7.69 -18.62
C GLY C 32 2.78 7.31 -19.69
N GLU C 33 2.18 8.33 -20.31
CA GLU C 33 1.15 8.14 -21.32
C GLU C 33 1.79 7.49 -22.54
N SER C 34 1.07 6.54 -23.15
CA SER C 34 1.42 5.97 -24.44
C SER C 34 0.54 6.71 -25.48
N LYS C 35 1.19 7.15 -26.57
CA LYS C 35 0.67 8.24 -27.43
C LYS C 35 -0.36 7.76 -28.47
N ASN C 36 -0.42 6.45 -28.72
CA ASN C 36 -1.65 5.72 -29.04
C ASN C 36 -1.47 4.31 -28.48
N ASN C 37 -0.66 3.50 -29.15
CA ASN C 37 -0.73 2.07 -29.13
C ASN C 37 -0.91 1.40 -27.78
N VAL C 38 -1.72 0.33 -27.75
CA VAL C 38 -1.70 -0.63 -26.67
C VAL C 38 -0.32 -1.28 -26.64
N THR C 39 0.30 -1.23 -25.45
CA THR C 39 1.66 -1.65 -25.29
C THR C 39 1.76 -2.95 -24.44
N GLU C 40 2.98 -3.49 -24.40
CA GLU C 40 3.33 -4.72 -23.76
C GLU C 40 3.63 -4.41 -22.31
N PRO C 41 3.72 -5.41 -21.40
CA PRO C 41 4.11 -5.16 -20.03
C PRO C 41 5.55 -4.63 -19.97
N ILE C 42 5.80 -3.71 -19.06
CA ILE C 42 7.02 -2.98 -18.90
C ILE C 42 7.62 -3.35 -17.56
N GLN C 43 8.80 -3.98 -17.60
CA GLN C 43 9.48 -4.40 -16.39
C GLN C 43 10.38 -3.24 -15.91
N LEU C 44 10.40 -3.05 -14.58
CA LEU C 44 11.14 -2.01 -13.90
C LEU C 44 12.27 -2.67 -13.10
N TYR C 45 13.45 -2.08 -13.18
CA TYR C 45 14.66 -2.62 -12.50
C TYR C 45 15.36 -1.52 -11.70
N VAL C 46 15.92 -1.90 -10.56
CA VAL C 46 16.86 -1.08 -9.83
C VAL C 46 18.10 -1.94 -9.75
N THR C 47 19.22 -1.35 -10.18
CA THR C 47 20.50 -2.02 -10.21
C THR C 47 21.38 -1.37 -9.15
N VAL C 48 21.84 -2.18 -8.19
CA VAL C 48 22.68 -1.73 -7.09
C VAL C 48 23.84 -2.70 -6.97
N GLY C 49 25.05 -2.22 -7.23
CA GLY C 49 26.24 -3.06 -7.15
C GLY C 49 26.10 -4.24 -8.11
N SER C 50 26.23 -5.46 -7.58
CA SER C 50 26.10 -6.69 -8.33
C SER C 50 24.65 -7.26 -8.52
N ASP C 51 23.62 -6.51 -8.10
CA ASP C 51 22.28 -7.00 -8.16
C ASP C 51 21.44 -6.09 -9.11
N LYS C 52 20.87 -6.69 -10.15
CA LYS C 52 19.79 -6.06 -10.92
C LYS C 52 18.46 -6.69 -10.44
N LEU C 53 17.64 -5.93 -9.71
CA LEU C 53 16.44 -6.43 -9.12
C LEU C 53 15.19 -5.92 -9.86
N LEU C 54 14.34 -6.86 -10.26
CA LEU C 54 12.98 -6.52 -10.75
C LEU C 54 12.17 -5.99 -9.58
N ILE C 55 11.58 -4.81 -9.74
CA ILE C 55 10.67 -4.27 -8.75
C ILE C 55 9.16 -4.34 -9.12
N GLY C 56 8.88 -4.56 -10.40
CA GLY C 56 7.55 -4.82 -10.85
C GLY C 56 7.37 -4.67 -12.33
N THR C 57 6.14 -4.93 -12.77
CA THR C 57 5.77 -4.95 -14.16
C THR C 57 4.52 -4.12 -14.35
N LEU C 58 4.62 -3.03 -15.10
CA LEU C 58 3.54 -2.06 -15.28
C LEU C 58 2.87 -2.27 -16.59
N SER C 59 1.60 -1.84 -16.68
CA SER C 59 0.89 -1.73 -17.96
C SER C 59 -0.13 -0.60 -17.85
N HIS C 60 -0.45 0.02 -18.98
CA HIS C 60 -1.48 1.06 -19.02
C HIS C 60 -2.84 0.48 -18.69
N GLU C 61 -3.09 -0.76 -19.10
CA GLU C 61 -4.37 -1.37 -18.89
C GLU C 61 -4.66 -1.73 -17.43
N LYS C 62 -3.67 -2.29 -16.76
CA LYS C 62 -3.92 -2.95 -15.46
C LYS C 62 -3.06 -2.44 -14.32
N PHE C 63 -1.82 -2.06 -14.61
CA PHE C 63 -0.89 -1.67 -13.55
C PHE C 63 -0.14 -0.37 -13.85
N PRO C 64 -0.81 0.79 -13.92
CA PRO C 64 -0.13 2.01 -14.37
C PRO C 64 0.72 2.73 -13.31
N GLN C 65 0.72 2.24 -12.06
CA GLN C 65 1.49 2.86 -11.02
C GLN C 65 1.70 1.89 -9.89
N LEU C 66 2.70 2.18 -9.05
CA LEU C 66 2.94 1.45 -7.84
C LEU C 66 3.24 2.43 -6.73
N SER C 67 2.87 2.04 -5.53
CA SER C 67 3.21 2.75 -4.33
C SER C 67 4.24 1.81 -3.64
N THR C 68 5.44 2.36 -3.41
CA THR C 68 6.60 1.59 -3.05
C THR C 68 7.28 2.12 -1.80
N GLU C 69 8.27 1.35 -1.33
CA GLU C 69 9.17 1.82 -0.27
C GLU C 69 10.56 1.22 -0.57
N ILE C 70 11.26 1.86 -1.50
CA ILE C 70 12.58 1.41 -1.94
C ILE C 70 13.62 2.37 -1.38
N VAL C 71 14.65 1.82 -0.73
CA VAL C 71 15.61 2.62 0.04
C VAL C 71 17.02 2.35 -0.46
N LEU C 72 17.71 3.42 -0.90
CA LEU C 72 18.99 3.32 -1.57
C LEU C 72 20.02 4.22 -0.89
N GLU C 73 21.11 3.60 -0.38
CA GLU C 73 22.09 4.30 0.37
C GLU C 73 23.36 4.55 -0.44
N ARG C 74 23.41 3.96 -1.62
CA ARG C 74 24.60 4.04 -2.50
C ARG C 74 24.16 4.25 -3.93
N ASN C 75 25.14 4.46 -4.81
CA ASN C 75 24.83 4.71 -6.20
C ASN C 75 24.04 3.53 -6.77
N PHE C 76 23.07 3.87 -7.65
CA PHE C 76 22.24 2.89 -8.31
C PHE C 76 21.79 3.36 -9.68
N ALA C 77 21.13 2.44 -10.41
CA ALA C 77 20.54 2.77 -11.68
C ALA C 77 19.07 2.31 -11.73
N LEU C 78 18.23 3.14 -12.32
CA LEU C 78 16.86 2.77 -12.66
C LEU C 78 16.75 2.55 -14.14
N SER C 79 16.02 1.51 -14.51
CA SER C 79 15.83 1.18 -15.92
C SER C 79 14.49 0.49 -16.08
N HIS C 80 13.99 0.47 -17.31
CA HIS C 80 12.78 -0.24 -17.63
C HIS C 80 12.82 -0.62 -19.09
N THR C 81 11.87 -1.48 -19.50
CA THR C 81 11.87 -2.07 -20.80
C THR C 81 11.00 -1.38 -21.85
N TRP C 82 10.45 -0.21 -21.53
CA TRP C 82 9.69 0.55 -22.50
C TRP C 82 10.62 1.44 -23.34
N LYS C 83 10.80 1.06 -24.61
CA LYS C 83 11.74 1.76 -25.48
C LYS C 83 11.22 3.10 -25.98
N ASN C 84 9.92 3.39 -25.81
CA ASN C 84 9.28 4.59 -26.39
C ASN C 84 8.34 5.32 -25.44
N GLY C 85 8.75 5.41 -24.19
CA GLY C 85 8.04 6.20 -23.18
C GLY C 85 8.75 6.24 -21.88
N SER C 86 8.13 6.90 -20.91
CA SER C 86 8.73 7.25 -19.65
C SER C 86 8.08 6.51 -18.49
N VAL C 87 8.89 6.26 -17.47
CA VAL C 87 8.39 5.89 -16.17
C VAL C 87 8.96 6.92 -15.17
N PHE C 88 8.09 7.41 -14.29
CA PHE C 88 8.39 8.46 -13.32
C PHE C 88 8.58 7.83 -11.97
N PHE C 89 9.71 8.12 -11.31
CA PHE C 89 9.99 7.66 -9.99
C PHE C 89 10.12 8.87 -9.09
N SER C 90 9.44 8.84 -7.93
CA SER C 90 9.50 9.93 -7.00
C SER C 90 9.51 9.49 -5.56
N GLY C 91 9.89 10.41 -4.67
CA GLY C 91 9.97 10.15 -3.27
C GLY C 91 10.74 11.27 -2.64
N TYR C 92 11.77 10.91 -1.85
CA TYR C 92 12.50 11.92 -1.06
C TYR C 92 13.91 11.43 -0.66
N LYS C 93 14.78 12.42 -0.39
CA LYS C 93 16.13 12.16 0.10
C LYS C 93 16.14 12.43 1.58
N VAL C 94 16.93 11.60 2.30
CA VAL C 94 17.03 11.63 3.74
C VAL C 94 18.50 11.75 4.10
N ASP C 95 18.77 12.65 5.03
CA ASP C 95 20.15 12.83 5.56
C ASP C 95 20.28 11.95 6.80
N LEU C 96 21.44 11.30 6.98
CA LEU C 96 21.65 10.33 8.10
C LEU C 96 22.18 10.95 9.39
N MET D 1 0.00 4.09 21.62
CA MET D 1 -0.50 3.16 20.56
C MET D 1 -1.64 2.37 21.16
N GLU D 2 -2.85 2.70 20.73
CA GLU D 2 -4.06 2.09 21.21
C GLU D 2 -4.87 1.73 20.01
N PHE D 3 -5.20 0.44 19.83
CA PHE D 3 -6.06 0.03 18.72
C PHE D 3 -7.36 0.80 18.76
N TRP D 4 -7.83 1.20 17.59
CA TRP D 4 -9.01 2.03 17.47
C TRP D 4 -9.77 1.54 16.26
N GLY D 5 -11.10 1.53 16.36
CA GLY D 5 -11.91 1.31 15.19
C GLY D 5 -13.37 1.61 15.37
N VAL D 6 -14.05 1.88 14.25
CA VAL D 6 -15.48 2.17 14.27
C VAL D 6 -16.21 1.62 13.05
N GLU D 7 -17.53 1.44 13.21
CA GLU D 7 -18.42 1.06 12.15
C GLU D 7 -19.32 2.23 11.86
N VAL D 8 -19.29 2.72 10.63
CA VAL D 8 -20.17 3.79 10.20
C VAL D 8 -21.33 3.16 9.44
N LYS D 9 -22.52 3.20 10.07
CA LYS D 9 -23.71 2.53 9.59
C LYS D 9 -24.58 3.45 8.77
N ASN D 10 -24.91 3.03 7.54
CA ASN D 10 -25.81 3.76 6.66
C ASN D 10 -25.37 5.18 6.36
N GLY D 11 -24.08 5.43 6.50
CA GLY D 11 -23.47 6.65 6.01
C GLY D 11 -23.55 7.89 6.88
N LYS D 12 -24.46 7.92 7.86
CA LYS D 12 -24.65 9.09 8.70
C LYS D 12 -23.35 9.53 9.36
N PRO D 13 -22.97 10.82 9.27
CA PRO D 13 -21.67 11.28 9.79
C PRO D 13 -21.48 10.82 11.24
N LEU D 14 -20.31 10.24 11.54
CA LEU D 14 -19.95 9.89 12.89
C LEU D 14 -18.92 10.89 13.32
N HIS D 15 -19.24 11.67 14.36
CA HIS D 15 -18.36 12.75 14.84
C HIS D 15 -17.45 12.19 15.93
N LEU D 16 -16.14 12.38 15.74
CA LEU D 16 -15.15 11.81 16.60
C LEU D 16 -14.12 12.86 17.00
N ASP D 17 -13.49 12.59 18.15
CA ASP D 17 -12.52 13.45 18.76
C ASP D 17 -11.35 12.57 19.17
N PRO D 18 -10.12 12.80 18.66
CA PRO D 18 -8.98 11.98 19.08
C PRO D 18 -8.66 12.07 20.58
N GLY D 19 -8.97 13.21 21.19
CA GLY D 19 -8.68 13.50 22.58
C GLY D 19 -7.52 14.47 22.63
N LEU D 20 -7.34 15.09 23.80
CA LEU D 20 -6.33 16.07 24.01
C LEU D 20 -4.97 15.45 23.84
N ASP D 21 -4.14 16.08 23.01
CA ASP D 21 -2.77 15.65 22.72
C ASP D 21 -2.70 14.23 22.20
N ARG D 22 -3.71 13.84 21.42
CA ARG D 22 -3.76 12.51 20.74
C ARG D 22 -4.08 12.68 19.25
N LEU D 23 -3.76 11.66 18.47
CA LEU D 23 -4.07 11.60 17.06
C LEU D 23 -4.81 10.30 16.85
N VAL D 24 -5.75 10.30 15.90
CA VAL D 24 -6.25 9.07 15.33
C VAL D 24 -5.54 8.87 13.98
N HIS D 25 -4.99 7.67 13.81
CA HIS D 25 -4.34 7.19 12.60
C HIS D 25 -5.25 6.09 12.04
N ILE D 26 -5.88 6.37 10.89
CA ILE D 26 -6.77 5.39 10.25
C ILE D 26 -5.92 4.63 9.22
N SER D 27 -5.79 3.30 9.39
CA SER D 27 -4.98 2.49 8.50
C SER D 27 -5.76 1.55 7.59
N GLN D 28 -6.99 1.19 7.98
CA GLN D 28 -7.78 0.19 7.26
C GLN D 28 -9.22 0.55 7.15
N VAL D 29 -9.72 0.49 5.92
CA VAL D 29 -11.13 0.73 5.59
C VAL D 29 -11.66 -0.55 4.95
N ALA D 30 -12.86 -0.97 5.36
CA ALA D 30 -13.53 -2.13 4.77
C ALA D 30 -15.03 -1.95 4.60
N LEU D 31 -15.49 -2.34 3.41
CA LEU D 31 -16.91 -2.30 3.05
C LEU D 31 -17.61 -3.54 3.59
N GLY D 32 -18.68 -3.31 4.33
CA GLY D 32 -19.59 -4.36 4.81
C GLY D 32 -20.33 -5.12 3.74
N GLU D 33 -20.91 -6.25 4.13
CA GLU D 33 -21.68 -7.15 3.25
C GLU D 33 -22.92 -6.42 2.76
N SER D 34 -23.26 -6.57 1.47
CA SER D 34 -24.52 -6.08 0.92
C SER D 34 -25.67 -7.08 1.02
N LYS D 35 -26.84 -6.57 1.41
CA LYS D 35 -28.08 -7.32 1.49
C LYS D 35 -28.80 -7.52 0.15
N ASN D 36 -28.43 -6.74 -0.87
CA ASN D 36 -29.03 -6.89 -2.20
C ASN D 36 -28.03 -6.83 -3.31
N ASN D 37 -28.53 -7.05 -4.54
CA ASN D 37 -27.72 -6.95 -5.74
C ASN D 37 -27.61 -5.55 -6.34
N VAL D 38 -28.24 -4.53 -5.73
CA VAL D 38 -27.83 -3.16 -5.98
C VAL D 38 -26.46 -2.98 -5.34
N THR D 39 -25.53 -2.56 -6.18
CA THR D 39 -24.24 -2.07 -5.79
C THR D 39 -24.17 -0.74 -6.57
N GLU D 40 -24.17 0.38 -5.83
CA GLU D 40 -23.77 1.67 -6.38
C GLU D 40 -22.37 1.87 -5.84
N PRO D 41 -21.49 2.67 -6.48
CA PRO D 41 -20.18 2.99 -5.86
C PRO D 41 -20.45 3.85 -4.62
N ILE D 42 -19.66 3.65 -3.57
CA ILE D 42 -19.86 4.27 -2.28
C ILE D 42 -18.71 5.18 -2.00
N GLN D 43 -18.99 6.48 -1.86
CA GLN D 43 -17.96 7.48 -1.58
C GLN D 43 -17.78 7.61 -0.07
N LEU D 44 -16.52 7.73 0.36
CA LEU D 44 -16.12 7.86 1.74
C LEU D 44 -15.54 9.25 1.93
N TYR D 45 -15.94 9.89 3.04
CA TYR D 45 -15.52 11.28 3.34
C TYR D 45 -14.99 11.39 4.75
N VAL D 46 -13.98 12.25 4.93
CA VAL D 46 -13.54 12.69 6.24
C VAL D 46 -13.73 14.19 6.19
N THR D 47 -14.47 14.68 7.18
CA THR D 47 -14.80 16.10 7.27
C THR D 47 -14.05 16.65 8.46
N VAL D 48 -13.19 17.64 8.19
CA VAL D 48 -12.36 18.30 9.22
C VAL D 48 -12.53 19.79 9.07
N GLY D 49 -13.16 20.41 10.09
CA GLY D 49 -13.52 21.82 10.03
C GLY D 49 -14.42 22.07 8.82
N SER D 50 -14.02 22.98 7.93
CA SER D 50 -14.79 23.33 6.74
C SER D 50 -14.47 22.51 5.48
N ASP D 51 -13.62 21.49 5.63
CA ASP D 51 -13.18 20.70 4.49
C ASP D 51 -13.75 19.29 4.56
N LYS D 52 -14.51 18.92 3.52
CA LYS D 52 -15.02 17.59 3.31
C LYS D 52 -14.14 16.97 2.23
N LEU D 53 -13.30 16.00 2.61
CA LEU D 53 -12.37 15.39 1.68
C LEU D 53 -12.84 13.96 1.33
N LEU D 54 -12.97 13.71 0.02
CA LEU D 54 -13.14 12.37 -0.50
C LEU D 54 -11.84 11.60 -0.27
N ILE D 55 -11.95 10.44 0.38
CA ILE D 55 -10.81 9.54 0.51
C ILE D 55 -10.83 8.32 -0.42
N GLY D 56 -12.00 7.99 -0.95
CA GLY D 56 -12.11 6.92 -1.90
C GLY D 56 -13.51 6.52 -2.18
N THR D 57 -13.63 5.63 -3.16
CA THR D 57 -14.86 5.10 -3.64
C THR D 57 -14.78 3.60 -3.66
N LEU D 58 -15.62 2.94 -2.85
CA LEU D 58 -15.61 1.50 -2.66
C LEU D 58 -16.66 0.82 -3.47
N SER D 59 -16.42 -0.46 -3.79
CA SER D 59 -17.50 -1.35 -4.31
C SER D 59 -17.18 -2.79 -3.91
N HIS D 60 -18.20 -3.63 -3.78
CA HIS D 60 -18.04 -5.04 -3.47
C HIS D 60 -17.34 -5.76 -4.62
N GLU D 61 -17.57 -5.33 -5.85
CA GLU D 61 -17.00 -5.97 -7.01
C GLU D 61 -15.48 -5.75 -7.16
N LYS D 62 -15.04 -4.51 -6.93
CA LYS D 62 -13.72 -4.10 -7.36
C LYS D 62 -12.91 -3.49 -6.26
N PHE D 63 -13.53 -2.75 -5.35
CA PHE D 63 -12.80 -2.03 -4.33
C PHE D 63 -13.36 -2.22 -2.92
N PRO D 64 -13.36 -3.42 -2.34
CA PRO D 64 -14.02 -3.64 -1.06
C PRO D 64 -13.26 -3.21 0.20
N GLN D 65 -12.02 -2.72 0.04
CA GLN D 65 -11.27 -2.27 1.18
C GLN D 65 -10.14 -1.39 0.72
N LEU D 66 -9.58 -0.61 1.65
CA LEU D 66 -8.42 0.24 1.37
C LEU D 66 -7.48 0.13 2.54
N SER D 67 -6.20 0.25 2.23
CA SER D 67 -5.14 0.39 3.21
C SER D 67 -4.71 1.84 3.08
N THR D 68 -4.78 2.56 4.20
CA THR D 68 -4.67 3.99 4.24
C THR D 68 -3.65 4.46 5.27
N GLU D 69 -3.40 5.77 5.26
CA GLU D 69 -2.63 6.44 6.31
C GLU D 69 -3.20 7.83 6.51
N ILE D 70 -4.31 7.89 7.27
CA ILE D 70 -5.06 9.12 7.49
C ILE D 70 -4.84 9.53 8.92
N VAL D 71 -4.40 10.79 9.12
CA VAL D 71 -3.92 11.27 10.41
C VAL D 71 -4.74 12.48 10.84
N LEU D 72 -5.41 12.36 11.99
CA LEU D 72 -6.36 13.34 12.49
C LEU D 72 -6.01 13.75 13.93
N GLU D 73 -5.70 15.03 14.10
CA GLU D 73 -5.26 15.57 15.38
C GLU D 73 -6.38 16.33 16.06
N ARG D 74 -7.49 16.54 15.34
CA ARG D 74 -8.61 17.37 15.85
C ARG D 74 -9.94 16.67 15.55
N ASN D 75 -11.04 17.25 16.03
CA ASN D 75 -12.35 16.71 15.80
C ASN D 75 -12.59 16.50 14.32
N PHE D 76 -13.24 15.39 13.97
CA PHE D 76 -13.59 15.10 12.59
C PHE D 76 -14.84 14.24 12.52
N ALA D 77 -15.34 14.07 11.30
CA ALA D 77 -16.43 13.17 11.04
C ALA D 77 -16.10 12.24 9.88
N LEU D 78 -16.52 10.98 10.03
CA LEU D 78 -16.50 10.01 8.96
C LEU D 78 -17.92 9.82 8.45
N SER D 79 -18.04 9.69 7.13
CA SER D 79 -19.33 9.49 6.52
C SER D 79 -19.14 8.79 5.18
N HIS D 80 -20.23 8.23 4.64
CA HIS D 80 -20.20 7.61 3.33
C HIS D 80 -21.60 7.61 2.76
N THR D 81 -21.72 7.25 1.48
CA THR D 81 -22.96 7.42 0.73
C THR D 81 -23.78 6.13 0.62
N TRP D 82 -23.41 5.08 1.33
CA TRP D 82 -24.21 3.85 1.32
C TRP D 82 -25.30 3.92 2.40
N LYS D 83 -26.55 4.08 1.96
CA LYS D 83 -27.67 4.25 2.90
C LYS D 83 -28.12 2.92 3.53
N ASN D 84 -27.61 1.78 3.04
CA ASN D 84 -28.04 0.46 3.44
C ASN D 84 -26.96 -0.53 3.86
N GLY D 85 -25.87 -0.01 4.43
CA GLY D 85 -24.79 -0.87 4.90
C GLY D 85 -23.70 -0.09 5.61
N SER D 86 -22.66 -0.82 6.03
CA SER D 86 -21.62 -0.27 6.88
C SER D 86 -20.29 -0.17 6.18
N VAL D 87 -19.51 0.81 6.60
CA VAL D 87 -18.07 0.83 6.31
C VAL D 87 -17.33 0.88 7.64
N PHE D 88 -16.32 0.01 7.78
CA PHE D 88 -15.54 -0.15 8.99
C PHE D 88 -14.21 0.61 8.81
N PHE D 89 -13.85 1.42 9.79
CA PHE D 89 -12.59 2.15 9.79
C PHE D 89 -11.82 1.72 11.02
N SER D 90 -10.55 1.39 10.84
CA SER D 90 -9.71 0.99 11.96
C SER D 90 -8.29 1.51 11.86
N GLY D 91 -7.60 1.49 12.98
CA GLY D 91 -6.25 1.98 13.09
C GLY D 91 -5.88 2.05 14.54
N TYR D 92 -5.31 3.19 14.94
CA TYR D 92 -4.78 3.36 16.30
C TYR D 92 -4.70 4.84 16.68
N LYS D 93 -4.72 5.10 18.00
CA LYS D 93 -4.47 6.38 18.58
C LYS D 93 -3.05 6.47 19.07
N VAL D 94 -2.48 7.66 18.94
CA VAL D 94 -1.10 7.99 19.26
C VAL D 94 -1.11 9.16 20.21
N ASP D 95 -0.21 9.16 21.20
CA ASP D 95 -0.01 10.30 22.09
C ASP D 95 1.06 11.21 21.55
N LEU D 96 0.88 12.53 21.72
CA LEU D 96 1.83 13.53 21.21
C LEU D 96 2.95 13.90 22.19
N MET E 1 20.84 1.41 7.22
CA MET E 1 19.99 1.43 6.06
C MET E 1 20.74 1.12 4.80
N GLU E 2 20.60 -0.12 4.31
CA GLU E 2 21.39 -0.63 3.22
C GLU E 2 20.47 -1.37 2.30
N PHE E 3 20.44 -1.01 1.02
CA PHE E 3 19.59 -1.73 0.07
C PHE E 3 19.93 -3.23 0.08
N TRP E 4 18.90 -4.06 -0.06
CA TRP E 4 19.00 -5.48 -0.01
C TRP E 4 18.06 -6.05 -1.04
N GLY E 5 18.46 -7.12 -1.72
CA GLY E 5 17.52 -7.86 -2.54
C GLY E 5 18.03 -9.17 -3.08
N VAL E 6 17.10 -10.08 -3.42
CA VAL E 6 17.42 -11.40 -3.91
C VAL E 6 16.43 -11.91 -4.94
N GLU E 7 16.91 -12.84 -5.77
CA GLU E 7 16.12 -13.55 -6.74
C GLU E 7 16.00 -14.99 -6.30
N VAL E 8 14.78 -15.44 -6.07
CA VAL E 8 14.54 -16.81 -5.68
C VAL E 8 14.06 -17.55 -6.93
N LYS E 9 14.90 -18.46 -7.42
CA LYS E 9 14.74 -19.13 -8.69
C LYS E 9 14.03 -20.46 -8.54
N ASN E 10 12.98 -20.70 -9.31
CA ASN E 10 12.28 -21.98 -9.37
C ASN E 10 11.79 -22.49 -8.02
N GLY E 11 11.60 -21.56 -7.09
CA GLY E 11 10.97 -21.82 -5.84
C GLY E 11 11.84 -22.36 -4.71
N LYS E 12 12.99 -22.96 -5.03
CA LYS E 12 13.83 -23.59 -4.02
C LYS E 12 14.19 -22.66 -2.86
N PRO E 13 13.94 -23.09 -1.60
CA PRO E 13 14.09 -22.19 -0.46
C PRO E 13 15.47 -21.54 -0.44
N LEU E 14 15.51 -20.22 -0.25
CA LEU E 14 16.75 -19.50 -0.08
C LEU E 14 16.87 -19.13 1.39
N HIS E 15 17.91 -19.66 2.04
CA HIS E 15 18.12 -19.47 3.47
C HIS E 15 19.01 -18.27 3.71
N LEU E 16 18.54 -17.33 4.53
CA LEU E 16 19.18 -16.03 4.72
C LEU E 16 19.23 -15.67 6.20
N ASP E 17 20.19 -14.80 6.54
CA ASP E 17 20.48 -14.39 7.88
C ASP E 17 20.70 -12.88 7.82
N PRO E 18 19.95 -12.07 8.60
CA PRO E 18 20.13 -10.61 8.55
C PRO E 18 21.51 -10.17 9.03
N GLY E 19 22.11 -10.94 9.94
CA GLY E 19 23.39 -10.61 10.56
C GLY E 19 23.14 -10.08 11.95
N LEU E 20 24.23 -9.99 12.72
CA LEU E 20 24.11 -9.65 14.13
C LEU E 20 23.70 -8.18 14.22
N ASP E 21 22.68 -7.95 15.05
CA ASP E 21 22.09 -6.65 15.30
C ASP E 21 21.56 -6.00 14.05
N ARG E 22 21.04 -6.80 13.12
CA ARG E 22 20.43 -6.28 11.86
C ARG E 22 19.06 -6.92 11.64
N LEU E 23 18.24 -6.21 10.87
CA LEU E 23 16.95 -6.70 10.43
C LEU E 23 16.98 -6.64 8.92
N VAL E 24 16.31 -7.59 8.27
CA VAL E 24 15.94 -7.44 6.87
C VAL E 24 14.48 -6.98 6.83
N HIS E 25 14.23 -5.89 6.10
CA HIS E 25 12.93 -5.31 5.83
C HIS E 25 12.62 -5.55 4.37
N ILE E 26 11.65 -6.40 4.08
CA ILE E 26 11.30 -6.72 2.71
C ILE E 26 10.10 -5.79 2.33
N SER E 27 10.29 -4.96 1.31
CA SER E 27 9.30 -4.00 0.90
C SER E 27 8.64 -4.28 -0.47
N GLN E 28 9.34 -5.01 -1.34
CA GLN E 28 8.88 -5.23 -2.71
C GLN E 28 9.09 -6.64 -3.19
N VAL E 29 8.00 -7.21 -3.71
CA VAL E 29 7.98 -8.52 -4.30
C VAL E 29 7.54 -8.36 -5.75
N ALA E 30 8.24 -9.03 -6.66
CA ALA E 30 7.93 -9.00 -8.06
C ALA E 30 8.11 -10.36 -8.75
N LEU E 31 7.12 -10.70 -9.56
CA LEU E 31 7.09 -11.94 -10.31
C LEU E 31 7.86 -11.75 -11.60
N GLY E 32 8.85 -12.62 -11.83
CA GLY E 32 9.61 -12.65 -13.05
C GLY E 32 8.82 -13.04 -14.29
N GLU E 33 9.46 -12.84 -15.43
CA GLU E 33 8.86 -13.05 -16.76
C GLU E 33 8.60 -14.53 -16.98
N SER E 34 7.43 -14.89 -17.50
CA SER E 34 7.15 -16.26 -17.94
C SER E 34 7.35 -16.34 -19.47
N LYS E 35 7.99 -17.41 -19.93
CA LYS E 35 8.07 -17.79 -21.34
C LYS E 35 6.77 -18.41 -21.94
N ASN E 36 5.91 -18.95 -21.07
CA ASN E 36 4.66 -19.61 -21.47
C ASN E 36 3.52 -19.12 -20.57
N ASN E 37 2.33 -19.70 -20.72
CA ASN E 37 1.32 -19.58 -19.68
C ASN E 37 1.63 -20.46 -18.46
N VAL E 38 1.49 -19.88 -17.26
CA VAL E 38 1.70 -20.61 -16.01
C VAL E 38 0.33 -21.02 -15.53
N THR E 39 0.16 -22.30 -15.26
CA THR E 39 -1.10 -22.84 -14.77
C THR E 39 -1.08 -23.21 -13.28
N GLU E 40 0.11 -23.30 -12.69
CA GLU E 40 0.24 -23.70 -11.29
C GLU E 40 0.00 -22.41 -10.52
N PRO E 41 -0.59 -22.44 -9.31
CA PRO E 41 -0.65 -21.27 -8.45
C PRO E 41 0.76 -20.86 -8.06
N ILE E 42 1.03 -19.56 -7.99
CA ILE E 42 2.29 -19.09 -7.42
C ILE E 42 2.23 -18.52 -5.99
N GLN E 43 2.49 -19.39 -5.01
CA GLN E 43 2.36 -19.06 -3.60
C GLN E 43 3.75 -18.73 -3.09
N LEU E 44 3.85 -17.69 -2.25
CA LEU E 44 5.11 -17.20 -1.69
C LEU E 44 5.13 -17.40 -0.18
N TYR E 45 6.28 -17.83 0.35
CA TYR E 45 6.41 -18.19 1.77
C TYR E 45 7.66 -17.55 2.38
N VAL E 46 7.54 -17.15 3.66
CA VAL E 46 8.69 -16.82 4.48
C VAL E 46 8.61 -17.81 5.63
N THR E 47 9.71 -18.51 5.85
CA THR E 47 9.81 -19.52 6.90
C THR E 47 10.77 -19.00 7.95
N VAL E 48 10.26 -18.87 9.18
CA VAL E 48 11.08 -18.44 10.33
C VAL E 48 10.87 -19.43 11.45
N GLY E 49 11.93 -20.13 11.84
CA GLY E 49 11.85 -21.16 12.88
C GLY E 49 10.87 -22.22 12.45
N SER E 50 9.87 -22.49 13.29
CA SER E 50 8.84 -23.49 13.00
C SER E 50 7.58 -22.97 12.29
N ASP E 51 7.63 -21.74 11.79
CA ASP E 51 6.46 -21.12 11.15
C ASP E 51 6.77 -20.85 9.67
N LYS E 52 6.00 -21.47 8.79
CA LYS E 52 6.02 -21.21 7.37
C LYS E 52 4.77 -20.36 7.05
N LEU E 53 4.97 -19.08 6.74
CA LEU E 53 3.86 -18.17 6.52
C LEU E 53 3.71 -17.85 5.02
N LEU E 54 2.51 -18.07 4.51
CA LEU E 54 2.10 -17.60 3.20
C LEU E 54 2.00 -16.08 3.28
N ILE E 55 2.70 -15.40 2.36
CA ILE E 55 2.55 -13.97 2.24
C ILE E 55 1.68 -13.51 1.04
N GLY E 56 1.51 -14.38 0.04
CA GLY E 56 0.50 -14.15 -0.96
C GLY E 56 0.68 -15.08 -2.13
N THR E 57 -0.18 -14.84 -3.13
CA THR E 57 -0.29 -15.63 -4.30
C THR E 57 -0.25 -14.71 -5.52
N LEU E 58 0.77 -14.88 -6.36
CA LEU E 58 1.04 -14.02 -7.49
C LEU E 58 0.57 -14.65 -8.77
N SER E 59 0.29 -13.80 -9.76
CA SER E 59 0.08 -14.25 -11.13
C SER E 59 0.51 -13.14 -12.10
N HIS E 60 0.86 -13.53 -13.32
CA HIS E 60 1.21 -12.59 -14.37
C HIS E 60 0.03 -11.76 -14.79
N GLU E 61 -1.15 -12.36 -14.80
CA GLU E 61 -2.34 -11.64 -15.29
C GLU E 61 -2.83 -10.59 -14.30
N LYS E 62 -2.81 -10.91 -13.01
CA LYS E 62 -3.54 -10.13 -12.03
C LYS E 62 -2.75 -9.62 -10.87
N PHE E 63 -1.77 -10.41 -10.42
CA PHE E 63 -1.00 -10.02 -9.21
C PHE E 63 0.50 -10.17 -9.43
N PRO E 64 1.12 -9.38 -10.31
CA PRO E 64 2.52 -9.56 -10.63
C PRO E 64 3.52 -8.95 -9.63
N GLN E 65 3.01 -8.26 -8.59
CA GLN E 65 3.88 -7.68 -7.61
C GLN E 65 3.13 -7.35 -6.37
N LEU E 66 3.86 -7.20 -5.27
CA LEU E 66 3.30 -6.79 -3.99
C LEU E 66 4.20 -5.75 -3.38
N SER E 67 3.59 -4.83 -2.67
CA SER E 67 4.31 -3.88 -1.83
C SER E 67 3.99 -4.32 -0.42
N THR E 68 5.06 -4.57 0.33
CA THR E 68 5.00 -5.29 1.59
C THR E 68 5.76 -4.53 2.69
N GLU E 69 5.60 -5.03 3.92
CA GLU E 69 6.40 -4.58 5.04
C GLU E 69 6.64 -5.81 5.95
N ILE E 70 7.64 -6.59 5.57
CA ILE E 70 8.00 -7.81 6.26
C ILE E 70 9.33 -7.57 6.95
N VAL E 71 9.38 -7.88 8.25
CA VAL E 71 10.52 -7.55 9.11
C VAL E 71 11.09 -8.82 9.76
N LEU E 72 12.38 -9.08 9.53
CA LEU E 72 13.04 -10.30 9.92
C LEU E 72 14.33 -10.03 10.70
N GLU E 73 14.35 -10.46 11.96
CA GLU E 73 15.48 -10.23 12.84
C GLU E 73 16.34 -11.48 12.98
N ARG E 74 15.84 -12.61 12.45
CA ARG E 74 16.34 -13.99 12.65
C ARG E 74 16.67 -14.62 11.30
N ASN E 75 17.43 -15.72 11.28
CA ASN E 75 17.51 -16.58 10.11
C ASN E 75 16.11 -16.88 9.56
N PHE E 76 16.00 -16.86 8.23
CA PHE E 76 14.76 -17.18 7.54
C PHE E 76 15.00 -17.74 6.18
N ALA E 77 13.92 -18.24 5.56
CA ALA E 77 13.98 -18.73 4.20
C ALA E 77 12.83 -18.15 3.40
N LEU E 78 13.12 -17.82 2.14
CA LEU E 78 12.13 -17.42 1.17
C LEU E 78 11.98 -18.54 0.15
N SER E 79 10.74 -18.78 -0.27
CA SER E 79 10.46 -19.84 -1.19
C SER E 79 9.12 -19.53 -1.89
N HIS E 80 8.87 -20.22 -3.02
CA HIS E 80 7.65 -20.08 -3.75
C HIS E 80 7.39 -21.31 -4.60
N THR E 81 6.19 -21.43 -5.18
CA THR E 81 5.77 -22.65 -5.83
C THR E 81 5.89 -22.62 -7.34
N TRP E 82 6.51 -21.58 -7.90
CA TRP E 82 6.74 -21.54 -9.36
C TRP E 82 8.02 -22.29 -9.74
N LYS E 83 7.85 -23.44 -10.38
CA LYS E 83 8.92 -24.35 -10.72
C LYS E 83 9.80 -23.85 -11.86
N ASN E 84 9.30 -22.86 -12.61
CA ASN E 84 9.87 -22.46 -13.90
C ASN E 84 10.10 -20.95 -14.03
N GLY E 85 10.38 -20.27 -12.93
CA GLY E 85 10.69 -18.85 -12.95
C GLY E 85 11.05 -18.30 -11.61
N SER E 86 11.27 -16.99 -11.57
CA SER E 86 11.79 -16.31 -10.41
C SER E 86 10.82 -15.39 -9.77
N VAL E 87 10.97 -15.23 -8.45
CA VAL E 87 10.34 -14.14 -7.73
C VAL E 87 11.47 -13.33 -7.06
N PHE E 88 11.37 -12.02 -7.19
CA PHE E 88 12.37 -11.07 -6.71
C PHE E 88 11.86 -10.44 -5.43
N PHE E 89 12.72 -10.43 -4.40
CA PHE E 89 12.38 -9.81 -3.15
C PHE E 89 13.42 -8.74 -2.90
N SER E 90 12.95 -7.53 -2.52
CA SER E 90 13.86 -6.45 -2.23
C SER E 90 13.38 -5.59 -1.07
N GLY E 91 14.32 -4.80 -0.56
CA GLY E 91 14.07 -3.93 0.55
C GLY E 91 15.40 -3.42 1.06
N TYR E 92 15.59 -3.52 2.36
CA TYR E 92 16.78 -2.93 3.03
C TYR E 92 17.06 -3.60 4.38
N LYS E 93 18.33 -3.52 4.79
CA LYS E 93 18.78 -3.92 6.11
C LYS E 93 18.87 -2.70 6.99
N VAL E 94 18.52 -2.90 8.27
CA VAL E 94 18.47 -1.89 9.30
C VAL E 94 19.37 -2.35 10.45
N ASP E 95 20.10 -1.40 11.04
CA ASP E 95 20.92 -1.68 12.22
C ASP E 95 20.15 -1.44 13.48
N LEU E 96 20.43 -2.26 14.49
CA LEU E 96 20.14 -2.03 15.94
C LEU E 96 18.75 -2.58 16.29
#